data_8B61
#
_entry.id   8B61
#
_cell.length_a   52.075
_cell.length_b   89.840
_cell.length_c   99.056
_cell.angle_alpha   90.00
_cell.angle_beta   90.00
_cell.angle_gamma   90.00
#
_symmetry.space_group_name_H-M   'P 2 21 21'
#
loop_
_entity.id
_entity.type
_entity.pdbx_description
1 polymer 'Conserved hypothetical lipoprotein'
2 non-polymer GLYCEROL
3 non-polymer 'pentane-1,3,5-tricarboxylic acid'
4 water water
#
_entity_poly.entity_id   1
_entity_poly.type   'polypeptide(L)'
_entity_poly.pdbx_seq_one_letter_code
;MKHTGLFKTLCFCAGCLLLSACVDYSDIQPFDGKTLPRKSGYTTGVTNDWIYFNLRTGEIFNALGVNRDIKEGGQMNRTD
WDLAFCGYVMRTNSGTSGIGRGGAADLGYGNYENWTSVAQLPSDLKWVEDNQEVYVTMSQNDWNHYLIENGLDFNSNPWF
DPNNGPQKTTTNANPVLAQAMSFAGPPPVYTPSYHTYVVRTADGKHYFKIQIISWYDANVEIGDEGGRLSYYCDELQP
;
_entity_poly.pdbx_strand_id   A,B
#
# COMPACT_ATOMS: atom_id res chain seq x y z
N PHE A 31 -8.91 20.22 1.51
CA PHE A 31 -7.52 19.74 1.79
C PHE A 31 -7.15 18.59 0.83
N ASP A 32 -6.06 18.77 0.06
CA ASP A 32 -5.63 17.89 -1.05
C ASP A 32 -4.72 16.73 -0.59
N GLY A 33 -4.69 16.41 0.71
CA GLY A 33 -3.73 15.43 1.28
C GLY A 33 -4.45 14.23 1.87
N LYS A 34 -3.81 13.51 2.79
CA LYS A 34 -4.31 12.27 3.42
C LYS A 34 -4.91 12.56 4.79
N THR A 35 -5.92 11.80 5.15
CA THR A 35 -6.56 11.73 6.50
C THR A 35 -6.62 10.26 6.88
N LEU A 36 -6.71 9.98 8.18
CA LEU A 36 -6.95 8.61 8.66
C LEU A 36 -8.37 8.20 8.30
N PRO A 37 -8.62 6.89 8.11
CA PRO A 37 -9.93 6.40 7.70
C PRO A 37 -11.02 6.50 8.78
N ARG A 38 -10.63 6.81 10.04
CA ARG A 38 -11.59 6.81 11.16
C ARG A 38 -11.01 7.55 12.38
N LYS A 39 -11.92 7.80 13.32
CA LYS A 39 -11.61 8.33 14.68
C LYS A 39 -10.60 7.38 15.36
N SER A 40 -9.43 7.89 15.72
CA SER A 40 -8.25 7.12 16.19
C SER A 40 -7.89 7.53 17.63
N GLY A 41 -7.47 6.57 18.46
CA GLY A 41 -6.93 6.85 19.82
C GLY A 41 -7.95 6.78 20.97
N TYR A 42 -7.62 7.45 22.06
CA TYR A 42 -8.19 7.18 23.42
C TYR A 42 -9.72 7.36 23.45
N THR A 43 -10.25 8.27 22.62
CA THR A 43 -11.72 8.54 22.48
C THR A 43 -12.47 7.29 22.00
N THR A 44 -11.78 6.29 21.49
CA THR A 44 -12.38 4.99 21.12
C THR A 44 -12.65 4.16 22.36
N GLY A 45 -12.05 4.56 23.49
CA GLY A 45 -12.07 3.78 24.75
C GLY A 45 -10.86 2.88 24.90
N VAL A 46 -10.01 2.81 23.88
CA VAL A 46 -8.78 1.97 23.92
C VAL A 46 -7.59 2.91 23.83
N THR A 47 -6.63 2.77 24.73
CA THR A 47 -5.39 3.61 24.76
C THR A 47 -4.53 3.35 23.51
N ASN A 48 -4.20 2.08 23.26
CA ASN A 48 -3.27 1.67 22.18
C ASN A 48 -4.11 1.32 20.95
N ASP A 49 -4.79 2.32 20.41
CA ASP A 49 -5.63 2.18 19.20
C ASP A 49 -4.76 2.69 18.03
N TRP A 50 -4.23 1.73 17.27
CA TRP A 50 -3.21 1.98 16.22
C TRP A 50 -3.85 1.64 14.87
N ILE A 51 -3.74 2.58 13.90
CA ILE A 51 -4.04 2.28 12.46
C ILE A 51 -2.69 2.10 11.76
N TYR A 52 -2.47 0.92 11.19
CA TYR A 52 -1.20 0.45 10.60
C TYR A 52 -1.26 0.62 9.08
N PHE A 53 -0.21 1.22 8.52
CA PHE A 53 -0.03 1.41 7.07
C PHE A 53 1.18 0.60 6.60
N ASN A 54 0.94 -0.24 5.59
CA ASN A 54 1.99 -0.78 4.70
C ASN A 54 2.19 0.21 3.57
N LEU A 55 3.21 1.05 3.70
CA LEU A 55 3.44 2.22 2.83
C LEU A 55 3.79 1.73 1.43
N ARG A 56 4.32 0.54 1.28
CA ARG A 56 4.75 0.03 -0.05
C ARG A 56 3.56 -0.62 -0.75
N THR A 57 2.67 -1.31 -0.03
CA THR A 57 1.59 -2.13 -0.65
C THR A 57 0.24 -1.41 -0.62
N GLY A 58 0.10 -0.36 0.18
CA GLY A 58 -1.14 0.43 0.35
C GLY A 58 -2.12 -0.19 1.35
N GLU A 59 -1.76 -1.34 1.95
CA GLU A 59 -2.66 -2.04 2.91
C GLU A 59 -2.77 -1.18 4.17
N ILE A 60 -3.97 -1.17 4.75
CA ILE A 60 -4.27 -0.47 6.04
C ILE A 60 -4.92 -1.49 6.99
N PHE A 61 -4.45 -1.59 8.23
CA PHE A 61 -4.98 -2.55 9.23
C PHE A 61 -5.61 -1.79 10.40
N ASN A 62 -6.78 -2.26 10.86
CA ASN A 62 -7.63 -1.62 11.91
C ASN A 62 -8.25 -0.35 11.37
N ALA A 63 -8.42 -0.26 10.05
CA ALA A 63 -9.01 0.90 9.35
C ALA A 63 -10.50 1.02 9.70
N LEU A 64 -11.15 -0.11 9.93
CA LEU A 64 -12.63 -0.18 10.10
C LEU A 64 -12.98 0.18 11.54
N GLY A 65 -12.19 -0.34 12.50
CA GLY A 65 -12.35 -0.08 13.94
C GLY A 65 -11.17 -0.63 14.75
N VAL A 66 -11.20 -0.38 16.06
CA VAL A 66 -10.10 -0.74 16.99
C VAL A 66 -9.88 -2.24 17.04
N ASN A 67 -8.62 -2.64 17.06
CA ASN A 67 -8.16 -4.03 17.30
C ASN A 67 -8.93 -4.98 16.36
N ARG A 68 -9.51 -4.43 15.29
CA ARG A 68 -10.33 -5.17 14.30
C ARG A 68 -9.45 -6.13 13.48
N ASP A 69 -8.19 -5.77 13.16
CA ASP A 69 -7.22 -6.61 12.39
C ASP A 69 -6.00 -6.95 13.26
N ILE A 70 -5.56 -6.04 14.14
CA ILE A 70 -4.29 -6.18 14.90
C ILE A 70 -4.50 -5.51 16.28
N LYS A 71 -4.32 -6.30 17.36
CA LYS A 71 -4.47 -5.77 18.74
C LYS A 71 -3.07 -5.40 19.25
N GLU A 72 -2.99 -4.46 20.19
CA GLU A 72 -1.70 -3.99 20.74
C GLU A 72 -0.83 -5.21 21.05
N GLY A 73 0.44 -5.16 20.65
CA GLY A 73 1.39 -6.28 20.88
C GLY A 73 1.39 -7.27 19.74
N GLY A 74 0.32 -7.29 18.93
CA GLY A 74 0.13 -8.20 17.78
C GLY A 74 0.84 -7.70 16.53
N GLN A 75 1.47 -6.53 16.61
CA GLN A 75 2.25 -5.94 15.50
C GLN A 75 3.74 -6.27 15.64
N MET A 76 4.22 -6.76 16.78
CA MET A 76 5.67 -6.73 17.06
C MET A 76 6.38 -7.67 16.07
N ASN A 77 5.73 -8.77 15.62
CA ASN A 77 6.42 -9.83 14.84
C ASN A 77 5.89 -9.90 13.40
N ARG A 78 5.21 -8.87 12.89
CA ARG A 78 4.80 -8.72 11.46
C ARG A 78 5.69 -7.65 10.77
N THR A 79 6.14 -7.85 9.51
CA THR A 79 6.85 -6.79 8.74
C THR A 79 6.00 -6.21 7.60
N ASP A 80 4.70 -6.52 7.56
CA ASP A 80 3.74 -6.06 6.51
C ASP A 80 3.13 -4.68 6.89
N TRP A 81 3.80 -3.95 7.77
CA TRP A 81 3.45 -2.56 8.12
C TRP A 81 4.73 -1.73 8.35
N ASP A 82 4.63 -0.43 8.13
CA ASP A 82 5.75 0.54 8.18
C ASP A 82 5.44 1.69 9.14
N LEU A 83 4.18 2.09 9.28
CA LEU A 83 3.84 3.34 9.99
C LEU A 83 2.50 3.12 10.62
N ALA A 84 2.31 3.49 11.87
CA ALA A 84 1.00 3.39 12.53
C ALA A 84 0.72 4.71 13.28
N PHE A 85 -0.55 5.07 13.39
CA PHE A 85 -1.04 6.32 14.00
C PHE A 85 -2.02 5.99 15.11
N CYS A 86 -1.82 6.65 16.25
CA CYS A 86 -2.73 6.60 17.41
C CYS A 86 -3.00 8.04 17.73
N GLY A 87 -4.10 8.55 17.19
CA GLY A 87 -4.32 9.99 16.94
C GLY A 87 -3.22 10.52 16.08
N TYR A 88 -2.46 11.49 16.55
CA TYR A 88 -1.30 12.04 15.80
C TYR A 88 -0.01 11.32 16.18
N VAL A 89 -0.05 10.46 17.19
CA VAL A 89 1.20 9.83 17.66
C VAL A 89 1.57 8.69 16.70
N MET A 90 2.84 8.61 16.33
CA MET A 90 3.26 7.65 15.31
C MET A 90 4.29 6.60 15.81
N ARG A 91 4.17 5.43 15.23
CA ARG A 91 4.91 4.17 15.52
C ARG A 91 5.50 3.71 14.18
N THR A 92 6.74 3.23 14.20
CA THR A 92 7.44 2.66 13.05
C THR A 92 7.83 1.21 13.35
N ASN A 93 8.16 0.43 12.31
CA ASN A 93 8.49 -0.99 12.47
C ASN A 93 9.94 -1.04 12.86
N SER A 94 10.25 -0.80 14.13
CA SER A 94 11.63 -0.61 14.60
C SER A 94 11.65 -0.68 16.12
N GLY A 95 12.85 -0.77 16.68
CA GLY A 95 13.10 -0.63 18.13
C GLY A 95 12.14 -1.48 18.89
N THR A 96 11.37 -0.90 19.82
CA THR A 96 10.51 -1.65 20.71
C THR A 96 9.15 -1.87 20.07
N SER A 97 8.84 -1.30 18.92
CA SER A 97 7.48 -1.39 18.36
C SER A 97 7.37 -2.62 17.46
N GLY A 98 8.49 -3.07 16.93
CA GLY A 98 8.52 -4.16 15.97
C GLY A 98 9.91 -4.55 15.58
N ILE A 99 9.95 -5.72 14.91
CA ILE A 99 11.15 -6.53 14.56
C ILE A 99 11.88 -5.96 13.32
N GLY A 100 11.28 -5.03 12.60
CA GLY A 100 11.75 -4.59 11.28
C GLY A 100 12.90 -3.62 11.41
N ARG A 101 13.38 -3.10 10.29
CA ARG A 101 14.58 -2.24 10.07
C ARG A 101 14.16 -0.80 9.81
N GLY A 102 13.06 -0.38 10.37
CA GLY A 102 12.53 0.96 10.08
C GLY A 102 13.20 2.00 10.94
N GLY A 103 12.50 3.12 11.07
CA GLY A 103 12.93 4.27 11.88
C GLY A 103 12.41 5.56 11.31
N ALA A 104 12.80 6.67 11.93
CA ALA A 104 12.35 8.02 11.56
C ALA A 104 13.53 8.96 11.75
N ALA A 105 13.53 10.02 10.99
CA ALA A 105 14.52 11.11 11.11
C ALA A 105 13.83 12.43 10.75
N ASP A 106 14.43 13.53 11.22
CA ASP A 106 13.82 14.89 11.15
C ASP A 106 14.52 15.67 10.04
N LEU A 107 13.81 16.08 9.00
CA LEU A 107 14.43 16.84 7.88
C LEU A 107 14.22 18.33 8.07
N GLY A 108 13.82 18.77 9.26
CA GLY A 108 13.71 20.21 9.53
C GLY A 108 12.41 20.85 9.05
N TYR A 109 12.20 22.12 9.40
CA TYR A 109 10.91 22.85 9.24
C TYR A 109 10.53 22.90 7.74
N GLY A 110 9.31 22.50 7.42
CA GLY A 110 8.68 22.81 6.11
C GLY A 110 9.36 22.15 4.93
N ASN A 111 9.17 22.72 3.73
CA ASN A 111 9.87 22.27 2.50
C ASN A 111 9.48 20.84 2.17
N TYR A 112 8.25 20.43 2.48
CA TYR A 112 7.76 19.05 2.24
C TYR A 112 7.85 18.69 0.76
N GLU A 113 7.27 19.53 -0.10
CA GLU A 113 7.23 19.30 -1.58
C GLU A 113 8.66 19.27 -2.15
N ASN A 114 9.62 19.84 -1.42
CA ASN A 114 11.01 20.02 -1.93
C ASN A 114 11.85 18.74 -1.74
N TRP A 115 11.44 17.83 -0.85
CA TRP A 115 12.15 16.53 -0.66
C TRP A 115 11.62 15.51 -1.67
N THR A 116 12.45 15.07 -2.60
CA THR A 116 12.00 14.15 -3.68
C THR A 116 12.87 12.91 -3.70
N SER A 117 14.09 12.99 -3.22
CA SER A 117 15.11 11.95 -3.49
C SER A 117 15.92 11.61 -2.24
N VAL A 118 16.20 10.30 -2.06
CA VAL A 118 17.10 9.76 -1.01
C VAL A 118 18.50 10.38 -1.12
N ALA A 119 18.93 10.76 -2.32
CA ALA A 119 20.22 11.45 -2.58
C ALA A 119 20.23 12.81 -1.87
N GLN A 120 19.09 13.42 -1.62
CA GLN A 120 19.02 14.75 -0.97
C GLN A 120 19.26 14.61 0.54
N LEU A 121 19.09 13.42 1.12
CA LEU A 121 19.15 13.25 2.59
C LEU A 121 20.56 13.59 3.00
N PRO A 122 20.71 14.34 4.11
CA PRO A 122 22.03 14.59 4.68
C PRO A 122 22.74 13.28 4.94
N SER A 123 24.03 13.28 4.64
CA SER A 123 25.01 12.21 4.93
C SER A 123 24.93 11.78 6.41
N ASP A 124 24.88 12.75 7.32
CA ASP A 124 24.94 12.54 8.79
C ASP A 124 23.54 12.46 9.42
N LEU A 125 22.50 12.15 8.64
CA LEU A 125 21.11 12.13 9.18
C LEU A 125 21.01 11.14 10.37
N LYS A 126 20.46 11.61 11.47
CA LYS A 126 20.22 10.84 12.71
C LYS A 126 18.94 10.00 12.55
N TRP A 127 19.09 8.69 12.46
CA TRP A 127 17.95 7.73 12.39
C TRP A 127 17.58 7.28 13.80
N VAL A 128 16.30 7.33 14.17
CA VAL A 128 15.87 6.96 15.54
C VAL A 128 14.80 5.89 15.44
N GLU A 129 15.03 4.80 16.16
CA GLU A 129 14.07 3.68 16.26
C GLU A 129 13.09 3.93 17.41
N ASP A 130 11.98 3.25 17.38
CA ASP A 130 10.89 3.40 18.38
C ASP A 130 11.43 2.93 19.73
N ASN A 131 10.96 3.60 20.79
CA ASN A 131 11.27 3.23 22.18
C ASN A 131 9.97 3.25 22.96
N GLN A 132 10.03 2.96 24.28
CA GLN A 132 8.82 2.85 25.12
C GLN A 132 8.71 4.10 25.99
N GLU A 133 9.25 5.24 25.55
CA GLU A 133 9.24 6.50 26.34
C GLU A 133 8.25 7.52 25.77
N VAL A 134 7.50 7.20 24.71
CA VAL A 134 6.56 8.19 24.09
C VAL A 134 5.23 8.10 24.81
N TYR A 135 4.62 9.24 25.10
CA TYR A 135 3.30 9.27 25.77
C TYR A 135 2.13 9.32 24.78
N VAL A 136 1.11 8.52 25.10
CA VAL A 136 -0.27 8.60 24.57
C VAL A 136 -1.23 8.82 25.74
N THR A 137 -2.35 9.45 25.43
CA THR A 137 -3.48 9.69 26.34
C THR A 137 -4.11 8.33 26.66
N MET A 138 -4.30 8.03 27.94
CA MET A 138 -5.02 6.81 28.39
C MET A 138 -6.52 7.03 28.21
N SER A 139 -7.21 6.01 27.70
CA SER A 139 -8.69 6.06 27.64
C SER A 139 -9.17 6.10 29.09
N GLN A 140 -10.32 6.72 29.31
CA GLN A 140 -10.98 6.78 30.64
C GLN A 140 -11.22 5.36 31.14
N ASN A 141 -11.59 4.44 30.23
CA ASN A 141 -11.88 3.04 30.57
C ASN A 141 -10.59 2.31 30.98
N ASP A 142 -9.47 2.55 30.31
CA ASP A 142 -8.21 1.87 30.69
C ASP A 142 -7.72 2.42 32.05
N TRP A 143 -7.92 3.70 32.30
CA TRP A 143 -7.52 4.32 33.58
C TRP A 143 -8.28 3.64 34.69
N ASN A 144 -9.58 3.50 34.51
CA ASN A 144 -10.47 2.89 35.51
C ASN A 144 -10.00 1.45 35.77
N HIS A 145 -9.73 0.66 34.72
CA HIS A 145 -9.28 -0.74 34.93
C HIS A 145 -7.97 -0.74 35.73
N TYR A 146 -7.10 0.21 35.44
CA TYR A 146 -5.78 0.35 36.08
C TYR A 146 -5.99 0.61 37.58
N LEU A 147 -6.98 1.41 37.96
CA LEU A 147 -7.31 1.61 39.39
C LEU A 147 -7.82 0.30 39.99
N ILE A 148 -8.78 -0.34 39.32
CA ILE A 148 -9.39 -1.58 39.88
C ILE A 148 -8.25 -2.59 40.08
N GLU A 149 -7.43 -2.81 39.07
CA GLU A 149 -6.33 -3.82 39.08
C GLU A 149 -5.31 -3.58 40.21
N ASN A 150 -5.15 -2.34 40.66
CA ASN A 150 -4.15 -1.90 41.68
C ASN A 150 -4.81 -1.50 42.99
N GLY A 151 -6.09 -1.82 43.17
CA GLY A 151 -6.86 -1.45 44.36
C GLY A 151 -6.72 0.01 44.71
N LEU A 152 -6.67 0.93 43.72
CA LEU A 152 -6.52 2.38 43.98
C LEU A 152 -7.90 3.04 44.05
N ASP A 153 -8.07 3.97 44.96
CA ASP A 153 -9.33 4.72 45.23
C ASP A 153 -9.51 5.69 44.07
N PHE A 154 -10.70 5.62 43.43
CA PHE A 154 -11.07 6.56 42.35
C PHE A 154 -11.11 7.99 42.93
N ASN A 155 -11.53 8.16 44.18
CA ASN A 155 -11.73 9.53 44.74
C ASN A 155 -10.43 10.36 44.70
N SER A 156 -9.27 9.70 44.82
CA SER A 156 -7.91 10.34 44.86
C SER A 156 -7.13 10.04 43.56
N ASN A 157 -7.80 9.50 42.54
CA ASN A 157 -7.18 9.15 41.24
C ASN A 157 -8.07 9.51 40.07
N PRO A 158 -8.39 10.81 39.91
CA PRO A 158 -9.14 11.26 38.73
C PRO A 158 -8.43 11.00 37.40
N TRP A 159 -9.24 10.62 36.39
CA TRP A 159 -8.73 10.39 35.02
C TRP A 159 -8.32 11.74 34.42
N PHE A 160 -9.18 12.72 34.59
CA PHE A 160 -9.13 14.03 33.92
C PHE A 160 -8.79 15.10 34.95
N ASP A 161 -7.65 15.76 34.77
CA ASP A 161 -7.31 16.97 35.58
C ASP A 161 -8.02 18.18 34.97
N PRO A 162 -8.87 18.90 35.73
CA PRO A 162 -9.60 20.05 35.18
C PRO A 162 -8.70 21.12 34.51
N ASN A 163 -7.42 21.22 34.87
CA ASN A 163 -6.48 22.23 34.31
C ASN A 163 -5.33 21.57 33.55
N ASN A 164 -5.26 20.23 33.51
CA ASN A 164 -4.12 19.52 32.88
C ASN A 164 -4.60 18.40 31.93
N GLY A 165 -5.91 18.14 31.89
CA GLY A 165 -6.49 17.15 30.96
C GLY A 165 -6.15 15.71 31.32
N PRO A 166 -6.44 14.74 30.44
CA PRO A 166 -6.45 13.35 30.81
C PRO A 166 -5.06 12.76 31.11
N GLN A 167 -5.04 11.71 31.92
CA GLN A 167 -3.85 10.92 32.25
C GLN A 167 -3.20 10.39 30.95
N LYS A 168 -1.89 10.33 30.94
CA LYS A 168 -1.11 9.78 29.82
C LYS A 168 -0.32 8.58 30.34
N THR A 169 0.16 7.74 29.43
CA THR A 169 1.02 6.61 29.77
C THR A 169 2.00 6.40 28.61
N THR A 170 3.08 5.69 28.87
CA THR A 170 4.10 5.46 27.81
C THR A 170 3.60 4.32 26.94
N THR A 171 4.10 4.29 25.70
CA THR A 171 3.88 3.14 24.78
C THR A 171 5.06 3.07 23.84
N ASN A 172 5.06 2.04 23.02
CA ASN A 172 6.06 1.81 21.95
C ASN A 172 5.68 2.74 20.81
N ALA A 173 6.52 3.73 20.54
CA ALA A 173 6.27 4.72 19.48
C ALA A 173 7.59 5.41 19.16
N ASN A 174 7.57 6.32 18.17
CA ASN A 174 8.80 6.95 17.67
C ASN A 174 8.97 8.35 18.28
N PRO A 175 10.02 8.56 19.09
CA PRO A 175 10.24 9.85 19.76
C PRO A 175 10.52 11.03 18.81
N VAL A 176 11.01 10.75 17.62
CA VAL A 176 11.26 11.80 16.58
C VAL A 176 9.92 12.19 15.99
N LEU A 177 9.10 11.23 15.55
CA LEU A 177 7.78 11.53 14.93
C LEU A 177 6.84 12.12 16.00
N ALA A 178 7.08 11.87 17.31
CA ALA A 178 6.22 12.45 18.38
C ALA A 178 6.36 13.97 18.33
N GLN A 179 7.47 14.49 17.83
CA GLN A 179 7.69 15.97 17.72
C GLN A 179 6.76 16.63 16.68
N ALA A 180 6.02 15.85 15.89
CA ALA A 180 5.20 16.37 14.75
C ALA A 180 4.11 17.28 15.33
N MET A 181 3.76 17.06 16.61
CA MET A 181 2.80 17.90 17.37
C MET A 181 3.50 18.36 18.64
N SER A 182 3.81 19.66 18.74
CA SER A 182 4.52 20.30 19.87
C SER A 182 3.53 20.47 21.03
N PHE A 183 3.99 20.19 22.25
CA PHE A 183 3.21 20.33 23.49
C PHE A 183 3.60 21.65 24.09
N ALA A 184 2.62 22.39 24.59
CA ALA A 184 2.78 23.54 25.50
C ALA A 184 1.68 23.44 26.54
N GLY A 185 1.95 23.87 27.76
CA GLY A 185 0.96 23.79 28.85
C GLY A 185 1.65 23.97 30.18
N PRO A 186 0.96 23.72 31.31
CA PRO A 186 -0.48 23.43 31.29
C PRO A 186 -1.28 24.70 31.13
N PRO A 187 -2.58 24.64 30.75
CA PRO A 187 -3.19 23.40 30.25
C PRO A 187 -2.64 22.98 28.88
N PRO A 188 -2.59 21.67 28.55
CA PRO A 188 -1.94 21.21 27.33
C PRO A 188 -2.57 21.82 26.08
N VAL A 189 -1.73 22.32 25.19
CA VAL A 189 -2.14 22.72 23.82
C VAL A 189 -1.09 22.17 22.87
N TYR A 190 -1.57 21.67 21.73
CA TYR A 190 -0.79 20.92 20.70
C TYR A 190 -0.84 21.72 19.41
N THR A 191 0.33 21.88 18.80
CA THR A 191 0.50 22.70 17.59
C THR A 191 1.42 21.95 16.66
N PRO A 192 1.12 21.85 15.36
CA PRO A 192 2.04 21.20 14.45
C PRO A 192 3.43 21.85 14.47
N SER A 193 4.48 21.04 14.49
CA SER A 193 5.86 21.56 14.27
C SER A 193 5.99 21.99 12.80
N TYR A 194 5.23 21.35 11.91
CA TYR A 194 5.28 21.46 10.42
C TYR A 194 6.62 20.99 9.83
N HIS A 195 7.40 20.22 10.58
CA HIS A 195 8.64 19.58 10.10
C HIS A 195 8.28 18.56 9.02
N THR A 196 9.20 18.37 8.08
CA THR A 196 9.19 17.15 7.27
C THR A 196 10.01 16.08 8.01
N TYR A 197 9.41 14.93 8.23
CA TYR A 197 10.07 13.75 8.79
C TYR A 197 10.20 12.75 7.65
N VAL A 198 11.02 11.75 7.86
CA VAL A 198 11.23 10.66 6.90
C VAL A 198 11.20 9.36 7.68
N VAL A 199 10.40 8.44 7.17
CA VAL A 199 10.11 7.12 7.78
C VAL A 199 10.81 6.10 6.88
N ARG A 200 11.65 5.27 7.48
CA ARG A 200 12.26 4.13 6.78
C ARG A 200 11.33 2.93 6.97
N THR A 201 10.98 2.22 5.90
CA THR A 201 10.05 1.07 5.95
C THR A 201 10.71 -0.14 6.65
N ALA A 202 9.89 -1.11 7.04
CA ALA A 202 10.20 -2.32 7.80
C ALA A 202 11.33 -3.09 7.12
N ASP A 203 11.45 -3.02 5.79
CA ASP A 203 12.50 -3.78 5.07
C ASP A 203 13.80 -2.97 5.07
N GLY A 204 13.73 -1.70 5.51
CA GLY A 204 14.89 -0.82 5.68
C GLY A 204 15.43 -0.18 4.37
N LYS A 205 14.73 -0.36 3.24
CA LYS A 205 15.25 0.06 1.89
CA LYS A 205 15.26 0.05 1.90
C LYS A 205 14.30 1.06 1.20
N HIS A 206 13.22 1.50 1.87
CA HIS A 206 12.29 2.51 1.29
C HIS A 206 12.15 3.67 2.26
N TYR A 207 11.96 4.88 1.71
CA TYR A 207 11.99 6.14 2.46
C TYR A 207 10.75 6.98 2.11
N PHE A 208 9.91 7.27 3.11
CA PHE A 208 8.64 8.03 2.95
C PHE A 208 8.74 9.31 3.75
N LYS A 209 8.64 10.47 3.05
CA LYS A 209 8.58 11.77 3.76
C LYS A 209 7.18 11.84 4.33
N ILE A 210 7.04 12.52 5.46
CA ILE A 210 5.73 12.67 6.13
C ILE A 210 5.68 14.05 6.79
N GLN A 211 4.51 14.64 6.77
CA GLN A 211 4.31 15.95 7.41
C GLN A 211 2.89 15.96 7.96
N ILE A 212 2.74 16.31 9.24
CA ILE A 212 1.42 16.36 9.91
C ILE A 212 0.98 17.81 9.79
N ILE A 213 -0.17 18.07 9.13
CA ILE A 213 -0.66 19.45 8.86
C ILE A 213 -1.61 19.90 9.97
N SER A 214 -2.45 19.02 10.49
CA SER A 214 -3.45 19.40 11.52
C SER A 214 -4.01 18.17 12.24
N TRP A 215 -4.45 18.34 13.48
CA TRP A 215 -5.19 17.31 14.26
C TRP A 215 -6.36 17.97 15.01
N GLY A 227 -11.65 13.90 16.42
CA GLY A 227 -10.26 13.43 16.32
C GLY A 227 -9.90 13.04 14.89
N ARG A 228 -9.69 14.05 14.03
CA ARG A 228 -9.35 13.94 12.57
C ARG A 228 -7.95 14.50 12.33
N LEU A 229 -7.14 13.73 11.58
CA LEU A 229 -5.71 14.00 11.30
C LEU A 229 -5.52 14.20 9.80
N SER A 230 -4.86 15.30 9.41
CA SER A 230 -4.52 15.67 8.03
C SER A 230 -3.00 15.70 7.86
N TYR A 231 -2.49 15.01 6.83
CA TYR A 231 -1.04 14.88 6.63
C TYR A 231 -0.68 14.53 5.18
N TYR A 232 0.61 14.62 4.90
CA TYR A 232 1.19 14.26 3.59
C TYR A 232 2.15 13.11 3.81
N CYS A 233 2.16 12.14 2.91
CA CYS A 233 3.12 11.02 3.00
C CYS A 233 3.41 10.51 1.59
N ASP A 234 4.66 10.54 1.15
CA ASP A 234 4.99 10.19 -0.27
C ASP A 234 6.37 9.54 -0.28
N GLU A 235 6.61 8.64 -1.24
CA GLU A 235 7.92 7.94 -1.29
C GLU A 235 8.96 8.86 -1.93
N LEU A 236 10.17 8.87 -1.38
CA LEU A 236 11.38 9.52 -1.97
C LEU A 236 11.95 8.59 -3.05
N GLN A 237 12.54 9.17 -4.10
CA GLN A 237 13.20 8.39 -5.18
C GLN A 237 14.57 7.96 -4.65
N PRO A 238 15.08 6.73 -4.93
CA PRO A 238 16.50 6.44 -4.75
C PRO A 238 17.39 7.28 -5.69
N PRO B 30 -11.88 -1.03 -0.79
CA PRO B 30 -11.65 -1.36 0.64
C PRO B 30 -10.26 -0.95 1.09
N PHE B 31 -10.16 -0.40 2.29
CA PHE B 31 -8.93 0.15 2.88
C PHE B 31 -7.94 -0.98 3.07
N ASP B 32 -8.43 -2.16 3.43
CA ASP B 32 -7.51 -3.14 4.03
C ASP B 32 -6.58 -3.62 2.93
N GLY B 33 -7.05 -3.58 1.67
CA GLY B 33 -6.43 -4.27 0.55
C GLY B 33 -5.16 -3.60 0.04
N LYS B 34 -4.46 -4.35 -0.80
CA LYS B 34 -3.33 -3.83 -1.58
C LYS B 34 -3.87 -2.90 -2.69
N THR B 35 -3.06 -1.91 -3.01
CA THR B 35 -3.25 -0.99 -4.14
CA THR B 35 -3.26 -1.03 -4.18
C THR B 35 -1.95 -0.95 -4.97
N LEU B 36 -2.04 -0.46 -6.17
CA LEU B 36 -0.84 -0.11 -6.97
C LEU B 36 -0.28 1.21 -6.41
N PRO B 37 1.06 1.36 -6.37
CA PRO B 37 1.68 2.55 -5.78
C PRO B 37 1.48 3.88 -6.51
N ARG B 38 0.99 3.83 -7.74
CA ARG B 38 0.89 5.04 -8.57
C ARG B 38 -0.18 4.82 -9.64
N LYS B 39 -0.56 5.88 -10.27
CA LYS B 39 -1.33 5.83 -11.55
C LYS B 39 -0.51 4.99 -12.53
N SER B 40 -1.19 4.02 -13.14
CA SER B 40 -0.71 2.87 -13.94
C SER B 40 -1.48 2.84 -15.26
N GLY B 41 -0.82 2.42 -16.34
CA GLY B 41 -1.41 2.18 -17.67
C GLY B 41 -1.40 3.37 -18.63
N TYR B 42 -2.34 3.36 -19.56
CA TYR B 42 -2.25 4.15 -20.82
C TYR B 42 -2.29 5.64 -20.50
N THR B 43 -2.87 6.06 -19.36
CA THR B 43 -2.95 7.49 -18.99
C THR B 43 -1.57 8.07 -18.61
N THR B 44 -0.53 7.24 -18.52
CA THR B 44 0.85 7.72 -18.30
C THR B 44 1.52 8.11 -19.62
N GLY B 45 0.84 7.81 -20.72
CA GLY B 45 1.37 8.05 -22.07
C GLY B 45 2.09 6.84 -22.62
N VAL B 46 2.24 5.80 -21.80
CA VAL B 46 2.89 4.54 -22.28
C VAL B 46 1.86 3.42 -22.23
N THR B 47 1.72 2.67 -23.33
CA THR B 47 0.81 1.51 -23.44
C THR B 47 1.22 0.38 -22.48
N ASN B 48 2.48 -0.05 -22.61
CA ASN B 48 3.01 -1.21 -21.85
C ASN B 48 3.66 -0.67 -20.59
N ASP B 49 2.85 -0.04 -19.73
CA ASP B 49 3.28 0.52 -18.44
C ASP B 49 3.04 -0.57 -17.38
N TRP B 50 4.06 -1.35 -17.03
CA TRP B 50 3.91 -2.53 -16.16
C TRP B 50 4.56 -2.28 -14.82
N ILE B 51 3.87 -2.60 -13.73
CA ILE B 51 4.46 -2.54 -12.36
C ILE B 51 4.64 -3.99 -11.95
N TYR B 52 5.88 -4.35 -11.65
CA TYR B 52 6.36 -5.74 -11.39
C TYR B 52 6.49 -5.97 -9.88
N PHE B 53 5.95 -7.07 -9.41
CA PHE B 53 6.10 -7.54 -8.03
C PHE B 53 6.82 -8.88 -8.01
N ASN B 54 7.77 -9.00 -7.09
CA ASN B 54 8.28 -10.31 -6.61
C ASN B 54 7.40 -10.65 -5.41
N LEU B 55 6.59 -11.70 -5.51
CA LEU B 55 5.55 -12.00 -4.51
C LEU B 55 6.17 -12.60 -3.26
N ARG B 56 7.34 -13.21 -3.42
CA ARG B 56 8.07 -13.94 -2.37
C ARG B 56 8.85 -12.90 -1.54
N THR B 57 9.53 -11.95 -2.18
CA THR B 57 10.54 -11.06 -1.55
C THR B 57 9.95 -9.68 -1.21
N GLY B 58 8.83 -9.30 -1.82
CA GLY B 58 8.23 -7.94 -1.66
C GLY B 58 8.95 -6.89 -2.50
N GLU B 59 9.85 -7.29 -3.41
CA GLU B 59 10.49 -6.33 -4.36
CA GLU B 59 10.49 -6.32 -4.34
C GLU B 59 9.40 -5.85 -5.33
N ILE B 60 9.41 -4.56 -5.66
CA ILE B 60 8.56 -3.91 -6.70
C ILE B 60 9.46 -3.17 -7.69
N PHE B 61 9.18 -3.35 -8.99
CA PHE B 61 9.90 -2.66 -10.09
C PHE B 61 8.93 -1.72 -10.81
N ASN B 62 9.36 -0.49 -11.07
CA ASN B 62 8.63 0.64 -11.74
C ASN B 62 7.55 1.18 -10.80
N ALA B 63 7.73 0.99 -9.49
CA ALA B 63 6.75 1.50 -8.49
C ALA B 63 6.58 3.01 -8.66
N LEU B 64 7.68 3.74 -8.87
CA LEU B 64 7.74 5.21 -8.73
C LEU B 64 7.49 5.95 -10.05
N GLY B 65 7.67 5.27 -11.17
CA GLY B 65 7.52 5.87 -12.50
C GLY B 65 7.56 4.82 -13.61
N VAL B 66 6.82 5.09 -14.68
CA VAL B 66 6.84 4.25 -15.91
C VAL B 66 8.28 3.99 -16.30
N ASN B 67 8.60 2.71 -16.53
CA ASN B 67 9.89 2.25 -17.10
C ASN B 67 11.07 2.77 -16.25
N ARG B 68 10.85 3.12 -14.97
CA ARG B 68 11.94 3.58 -14.08
C ARG B 68 12.95 2.44 -13.85
N ASP B 69 12.52 1.16 -13.77
CA ASP B 69 13.42 0.00 -13.48
C ASP B 69 13.44 -0.96 -14.67
N ILE B 70 12.29 -1.24 -15.27
CA ILE B 70 12.18 -2.28 -16.34
C ILE B 70 11.31 -1.71 -17.45
N LYS B 71 11.84 -1.56 -18.67
CA LYS B 71 11.01 -1.17 -19.85
C LYS B 71 10.43 -2.43 -20.50
N GLU B 72 9.42 -2.28 -21.34
CA GLU B 72 8.75 -3.44 -21.98
C GLU B 72 9.78 -4.32 -22.68
N GLY B 73 9.75 -5.63 -22.44
CA GLY B 73 10.74 -6.56 -23.02
C GLY B 73 11.91 -6.87 -22.10
N GLY B 74 12.37 -5.90 -21.31
CA GLY B 74 13.39 -6.06 -20.26
C GLY B 74 12.99 -7.01 -19.12
N GLN B 75 11.71 -7.37 -19.01
CA GLN B 75 11.18 -8.37 -18.02
C GLN B 75 11.51 -9.81 -18.43
N MET B 76 11.72 -10.04 -19.71
CA MET B 76 11.49 -11.37 -20.30
C MET B 76 12.60 -12.36 -19.86
N ASN B 77 13.82 -11.89 -19.66
CA ASN B 77 14.97 -12.78 -19.28
C ASN B 77 15.29 -12.72 -17.77
N ARG B 78 14.33 -12.41 -16.91
CA ARG B 78 14.45 -12.25 -15.43
C ARG B 78 13.47 -13.22 -14.75
N THR B 79 13.88 -13.76 -13.60
CA THR B 79 13.05 -14.69 -12.78
C THR B 79 12.80 -14.05 -11.41
N ASP B 80 13.10 -12.75 -11.25
CA ASP B 80 12.99 -12.01 -9.98
C ASP B 80 11.66 -11.23 -9.93
N TRP B 81 10.67 -11.55 -10.76
CA TRP B 81 9.31 -10.99 -10.66
C TRP B 81 8.28 -12.11 -10.92
N ASP B 82 7.09 -12.05 -10.31
CA ASP B 82 6.07 -13.10 -10.51
C ASP B 82 4.78 -12.56 -11.16
N LEU B 83 4.47 -11.30 -10.91
CA LEU B 83 3.16 -10.74 -11.25
C LEU B 83 3.37 -9.28 -11.57
N ALA B 84 2.74 -8.81 -12.66
CA ALA B 84 2.85 -7.43 -13.10
C ALA B 84 1.45 -6.95 -13.49
N PHE B 85 1.25 -5.66 -13.27
CA PHE B 85 -0.02 -4.96 -13.52
C PHE B 85 0.21 -3.84 -14.51
N CYS B 86 -0.75 -3.72 -15.39
CA CYS B 86 -0.87 -2.55 -16.29
C CYS B 86 -2.32 -2.11 -16.19
N GLY B 87 -2.58 -1.16 -15.31
CA GLY B 87 -3.93 -1.01 -14.71
C GLY B 87 -4.38 -2.31 -14.12
N TYR B 88 -5.53 -2.81 -14.55
CA TYR B 88 -6.06 -4.04 -13.94
C TYR B 88 -5.55 -5.24 -14.73
N VAL B 89 -4.86 -5.06 -15.88
CA VAL B 89 -4.44 -6.20 -16.70
C VAL B 89 -3.21 -6.80 -16.04
N MET B 90 -3.12 -8.14 -16.02
CA MET B 90 -2.06 -8.81 -15.25
C MET B 90 -1.21 -9.68 -16.17
N ARG B 91 0.06 -9.71 -15.87
CA ARG B 91 1.11 -10.53 -16.57
C ARG B 91 1.77 -11.44 -15.54
N THR B 92 2.08 -12.68 -15.93
CA THR B 92 2.81 -13.63 -15.06
C THR B 92 4.15 -13.95 -15.71
N ASN B 93 5.05 -14.55 -14.95
CA ASN B 93 6.40 -14.85 -15.45
C ASN B 93 6.30 -16.22 -16.10
N SER B 94 5.83 -16.25 -17.35
CA SER B 94 5.51 -17.54 -18.04
C SER B 94 5.22 -17.24 -19.50
N GLY B 95 5.07 -18.30 -20.28
CA GLY B 95 4.69 -18.26 -21.70
C GLY B 95 5.41 -17.17 -22.45
N THR B 96 4.70 -16.19 -23.02
CA THR B 96 5.31 -15.20 -23.94
C THR B 96 5.78 -13.97 -23.17
N SER B 97 5.49 -13.86 -21.86
CA SER B 97 5.84 -12.70 -21.01
C SER B 97 7.24 -12.83 -20.39
N GLY B 98 7.66 -14.06 -20.06
CA GLY B 98 8.98 -14.31 -19.47
C GLY B 98 9.31 -15.78 -19.49
N ILE B 99 10.60 -16.05 -19.16
CA ILE B 99 11.28 -17.37 -19.17
C ILE B 99 10.95 -18.14 -17.89
N GLY B 100 10.18 -17.56 -16.99
CA GLY B 100 9.74 -18.23 -15.74
C GLY B 100 8.78 -19.39 -15.98
N ARG B 101 8.46 -20.11 -14.91
CA ARG B 101 7.60 -21.33 -14.82
C ARG B 101 6.33 -20.95 -14.04
N GLY B 102 5.89 -19.71 -14.14
CA GLY B 102 4.68 -19.24 -13.46
C GLY B 102 3.45 -19.61 -14.28
N GLY B 103 2.36 -18.88 -14.05
CA GLY B 103 1.05 -19.20 -14.67
C GLY B 103 -0.05 -18.77 -13.71
N ALA B 104 -1.28 -18.99 -14.13
CA ALA B 104 -2.50 -18.53 -13.46
C ALA B 104 -3.58 -19.58 -13.63
N ALA B 105 -4.46 -19.69 -12.64
CA ALA B 105 -5.64 -20.57 -12.66
C ALA B 105 -6.82 -19.88 -11.96
N ASP B 106 -8.03 -20.33 -12.25
CA ASP B 106 -9.29 -19.73 -11.78
C ASP B 106 -9.90 -20.64 -10.72
N LEU B 107 -10.02 -20.17 -9.49
CA LEU B 107 -10.62 -20.96 -8.38
C LEU B 107 -12.09 -20.61 -8.22
N GLY B 108 -12.72 -19.93 -9.17
CA GLY B 108 -14.16 -19.68 -9.11
C GLY B 108 -14.53 -18.43 -8.29
N TYR B 109 -15.82 -18.11 -8.28
CA TYR B 109 -16.36 -16.86 -7.65
C TYR B 109 -16.08 -16.82 -6.14
N GLY B 110 -15.43 -15.75 -5.69
CA GLY B 110 -15.48 -15.41 -4.26
C GLY B 110 -14.71 -16.41 -3.42
N ASN B 111 -15.15 -16.51 -2.16
CA ASN B 111 -14.67 -17.43 -1.10
C ASN B 111 -13.17 -17.24 -0.90
N TYR B 112 -12.68 -16.02 -1.15
CA TYR B 112 -11.23 -15.70 -1.05
C TYR B 112 -10.66 -16.23 0.27
N GLU B 113 -11.37 -15.98 1.39
CA GLU B 113 -10.86 -16.27 2.75
C GLU B 113 -10.72 -17.79 2.96
N ASN B 114 -11.48 -18.59 2.24
CA ASN B 114 -11.48 -20.08 2.39
C ASN B 114 -10.26 -20.76 1.77
N TRP B 115 -9.56 -20.09 0.86
CA TRP B 115 -8.35 -20.66 0.19
C TRP B 115 -7.15 -20.32 1.08
N THR B 116 -6.54 -21.34 1.70
CA THR B 116 -5.40 -21.11 2.61
C THR B 116 -4.20 -21.99 2.24
N SER B 117 -4.37 -23.18 1.66
CA SER B 117 -3.19 -24.05 1.42
C SER B 117 -3.19 -24.63 0.00
N VAL B 118 -2.01 -24.98 -0.47
CA VAL B 118 -1.78 -25.56 -1.82
C VAL B 118 -2.53 -26.88 -1.90
N ALA B 119 -2.67 -27.59 -0.77
CA ALA B 119 -3.38 -28.88 -0.64
C ALA B 119 -4.83 -28.75 -1.13
N GLN B 120 -5.40 -27.56 -0.98
CA GLN B 120 -6.80 -27.31 -1.36
C GLN B 120 -6.94 -27.26 -2.89
N LEU B 121 -5.88 -27.00 -3.64
CA LEU B 121 -6.03 -26.78 -5.10
C LEU B 121 -6.56 -28.06 -5.72
N PRO B 122 -7.59 -28.00 -6.61
CA PRO B 122 -8.10 -29.20 -7.25
C PRO B 122 -6.98 -29.92 -8.03
N SER B 123 -7.03 -31.27 -8.04
CA SER B 123 -6.06 -32.14 -8.77
C SER B 123 -6.14 -31.86 -10.27
N ASP B 124 -7.31 -31.46 -10.76
CA ASP B 124 -7.54 -31.23 -12.21
C ASP B 124 -7.40 -29.72 -12.53
N LEU B 125 -6.77 -28.91 -11.68
CA LEU B 125 -6.77 -27.44 -11.90
C LEU B 125 -6.06 -27.10 -13.22
N LYS B 126 -6.73 -26.37 -14.12
CA LYS B 126 -6.18 -25.91 -15.41
C LYS B 126 -5.27 -24.69 -15.21
N TRP B 127 -3.95 -24.87 -15.33
CA TRP B 127 -2.91 -23.82 -15.29
C TRP B 127 -2.74 -23.18 -16.67
N VAL B 128 -2.75 -21.86 -16.76
CA VAL B 128 -2.62 -21.17 -18.08
C VAL B 128 -1.43 -20.22 -18.05
N GLU B 129 -0.61 -20.28 -19.10
CA GLU B 129 0.60 -19.46 -19.24
C GLU B 129 0.25 -18.23 -20.04
N ASP B 130 1.08 -17.19 -19.96
CA ASP B 130 0.81 -15.94 -20.69
C ASP B 130 0.87 -16.20 -22.21
N ASN B 131 0.08 -15.44 -22.98
CA ASN B 131 0.14 -15.45 -24.45
C ASN B 131 0.12 -13.98 -24.90
N GLN B 132 0.04 -13.77 -26.21
CA GLN B 132 0.04 -12.44 -26.86
CA GLN B 132 0.03 -12.39 -26.75
C GLN B 132 -1.38 -12.08 -27.29
N GLU B 133 -2.39 -12.59 -26.60
CA GLU B 133 -3.79 -12.46 -27.10
C GLU B 133 -4.55 -11.48 -26.21
N VAL B 134 -3.93 -10.98 -25.13
CA VAL B 134 -4.62 -10.09 -24.15
C VAL B 134 -4.49 -8.66 -24.62
N TYR B 135 -5.58 -7.90 -24.50
CA TYR B 135 -5.68 -6.48 -24.93
C TYR B 135 -5.39 -5.53 -23.78
N VAL B 136 -4.57 -4.54 -24.09
CA VAL B 136 -4.40 -3.33 -23.24
C VAL B 136 -4.81 -2.12 -24.09
N THR B 137 -5.21 -1.07 -23.41
CA THR B 137 -5.54 0.22 -24.02
C THR B 137 -4.25 0.84 -24.51
N MET B 138 -4.25 1.34 -25.73
CA MET B 138 -3.10 2.10 -26.26
C MET B 138 -3.12 3.53 -25.71
N SER B 139 -1.95 4.07 -25.38
CA SER B 139 -1.84 5.52 -25.07
C SER B 139 -2.15 6.33 -26.33
N GLN B 140 -2.69 7.53 -26.16
CA GLN B 140 -2.93 8.47 -27.29
C GLN B 140 -1.62 8.69 -28.04
N ASN B 141 -0.52 8.80 -27.29
CA ASN B 141 0.79 9.07 -27.89
C ASN B 141 1.26 7.87 -28.74
N ASP B 142 1.15 6.66 -28.22
CA ASP B 142 1.54 5.46 -28.98
C ASP B 142 0.66 5.33 -30.23
N TRP B 143 -0.66 5.62 -30.12
CA TRP B 143 -1.57 5.59 -31.29
C TRP B 143 -1.09 6.59 -32.34
N ASN B 144 -0.75 7.79 -31.88
CA ASN B 144 -0.25 8.83 -32.81
C ASN B 144 1.01 8.32 -33.54
N HIS B 145 1.94 7.66 -32.83
CA HIS B 145 3.20 7.08 -33.41
C HIS B 145 2.84 5.99 -34.45
N TYR B 146 1.90 5.13 -34.14
CA TYR B 146 1.35 4.13 -35.08
C TYR B 146 0.86 4.79 -36.37
N LEU B 147 0.11 5.88 -36.24
CA LEU B 147 -0.45 6.57 -37.43
C LEU B 147 0.72 7.07 -38.24
N ILE B 148 1.67 7.74 -37.59
CA ILE B 148 2.79 8.41 -38.31
C ILE B 148 3.61 7.32 -39.00
N GLU B 149 3.92 6.24 -38.28
CA GLU B 149 4.72 5.13 -38.84
C GLU B 149 4.09 4.60 -40.14
N ASN B 150 2.78 4.46 -40.19
CA ASN B 150 1.98 3.79 -41.26
C ASN B 150 1.41 4.82 -42.24
N GLY B 151 1.85 6.08 -42.15
CA GLY B 151 1.38 7.21 -42.94
C GLY B 151 -0.14 7.23 -42.99
N LEU B 152 -0.81 6.90 -41.90
CA LEU B 152 -2.29 6.85 -41.82
C LEU B 152 -2.83 8.26 -41.58
N ASP B 153 -3.95 8.58 -42.22
CA ASP B 153 -4.80 9.78 -42.00
C ASP B 153 -5.42 9.67 -40.60
N PHE B 154 -5.02 10.61 -39.74
CA PHE B 154 -5.62 10.86 -38.41
C PHE B 154 -7.11 11.08 -38.61
N ASN B 155 -7.55 11.65 -39.74
CA ASN B 155 -8.97 12.07 -39.92
C ASN B 155 -9.94 10.89 -39.77
N SER B 156 -9.52 9.72 -40.23
CA SER B 156 -10.29 8.46 -40.33
C SER B 156 -9.70 7.40 -39.39
N ASN B 157 -8.80 7.81 -38.49
CA ASN B 157 -8.10 6.90 -37.54
C ASN B 157 -8.07 7.53 -36.13
N PRO B 158 -9.22 7.95 -35.58
CA PRO B 158 -9.29 8.52 -34.24
C PRO B 158 -8.77 7.53 -33.16
N TRP B 159 -7.98 8.06 -32.24
CA TRP B 159 -7.55 7.32 -31.02
C TRP B 159 -8.76 6.89 -30.19
N PHE B 160 -9.68 7.83 -30.02
CA PHE B 160 -10.89 7.71 -29.17
C PHE B 160 -12.12 7.57 -30.08
N ASP B 161 -12.76 6.40 -30.06
CA ASP B 161 -14.06 6.16 -30.72
C ASP B 161 -15.14 6.87 -29.92
N PRO B 162 -16.04 7.62 -30.58
CA PRO B 162 -17.09 8.35 -29.85
C PRO B 162 -17.96 7.43 -28.98
N ASN B 163 -18.16 6.18 -29.40
CA ASN B 163 -19.09 5.25 -28.71
C ASN B 163 -18.37 4.01 -28.24
N ASN B 164 -17.09 3.89 -28.49
CA ASN B 164 -16.34 2.65 -28.18
C ASN B 164 -15.07 2.89 -27.37
N GLY B 165 -14.72 4.16 -27.12
CA GLY B 165 -13.57 4.52 -26.26
C GLY B 165 -12.24 4.32 -26.97
N PRO B 166 -11.11 4.30 -26.25
CA PRO B 166 -9.79 4.29 -26.88
C PRO B 166 -9.36 2.96 -27.54
N GLN B 167 -8.47 3.09 -28.49
CA GLN B 167 -7.91 1.96 -29.26
C GLN B 167 -7.18 1.04 -28.25
N LYS B 168 -7.18 -0.24 -28.58
CA LYS B 168 -6.57 -1.31 -27.80
C LYS B 168 -5.60 -2.06 -28.72
N THR B 169 -4.62 -2.72 -28.12
CA THR B 169 -3.68 -3.58 -28.85
C THR B 169 -3.29 -4.73 -27.96
N THR B 170 -2.90 -5.85 -28.55
CA THR B 170 -2.47 -7.05 -27.78
C THR B 170 -1.11 -6.80 -27.16
N THR B 171 -0.86 -7.54 -26.09
CA THR B 171 0.44 -7.59 -25.42
C THR B 171 0.61 -8.98 -24.79
N ASN B 172 1.78 -9.18 -24.26
CA ASN B 172 2.11 -10.36 -23.43
C ASN B 172 1.39 -10.18 -22.10
N ALA B 173 0.45 -11.07 -21.79
CA ALA B 173 -0.27 -11.12 -20.50
C ALA B 173 -1.06 -12.41 -20.34
N ASN B 174 -1.76 -12.54 -19.21
CA ASN B 174 -2.38 -13.80 -18.82
C ASN B 174 -3.88 -13.80 -19.13
N PRO B 175 -4.35 -14.68 -20.03
CA PRO B 175 -5.77 -14.68 -20.44
C PRO B 175 -6.74 -15.09 -19.32
N VAL B 176 -6.27 -15.86 -18.33
CA VAL B 176 -7.11 -16.24 -17.17
C VAL B 176 -7.26 -15.00 -16.28
N LEU B 177 -6.15 -14.36 -15.91
CA LEU B 177 -6.17 -13.18 -15.01
C LEU B 177 -6.93 -12.04 -15.71
N ALA B 178 -6.92 -11.98 -17.06
CA ALA B 178 -7.66 -10.94 -17.79
C ALA B 178 -9.13 -11.01 -17.42
N GLN B 179 -9.63 -12.16 -17.02
CA GLN B 179 -11.05 -12.34 -16.68
C GLN B 179 -11.38 -11.67 -15.34
N ALA B 180 -10.39 -11.11 -14.62
CA ALA B 180 -10.58 -10.51 -13.27
C ALA B 180 -11.43 -9.22 -13.45
N MET B 181 -11.46 -8.69 -14.67
CA MET B 181 -12.33 -7.54 -15.01
C MET B 181 -13.13 -7.93 -16.25
N SER B 182 -14.45 -8.05 -16.11
CA SER B 182 -15.38 -8.42 -17.18
C SER B 182 -15.66 -7.14 -17.98
N PHE B 183 -15.84 -7.33 -19.28
CA PHE B 183 -16.15 -6.28 -20.27
C PHE B 183 -17.58 -6.46 -20.75
N ALA B 184 -18.26 -5.35 -20.87
CA ALA B 184 -19.57 -5.21 -21.54
C ALA B 184 -19.56 -3.88 -22.29
N GLY B 185 -20.35 -3.78 -23.34
CA GLY B 185 -20.28 -2.60 -24.22
C GLY B 185 -20.87 -2.93 -25.57
N PRO B 186 -20.87 -1.99 -26.54
CA PRO B 186 -20.40 -0.63 -26.29
C PRO B 186 -21.47 0.27 -25.65
N PRO B 187 -21.08 1.38 -24.99
CA PRO B 187 -19.67 1.74 -24.74
C PRO B 187 -19.01 0.86 -23.65
N PRO B 188 -17.68 0.61 -23.68
CA PRO B 188 -17.03 -0.30 -22.74
C PRO B 188 -17.29 0.06 -21.26
N VAL B 189 -17.71 -0.94 -20.49
CA VAL B 189 -17.81 -0.83 -19.01
C VAL B 189 -17.23 -2.12 -18.45
N TYR B 190 -16.42 -1.97 -17.42
CA TYR B 190 -15.66 -3.07 -16.80
C TYR B 190 -16.15 -3.20 -15.37
N THR B 191 -16.37 -4.45 -14.98
CA THR B 191 -16.84 -4.85 -13.65
C THR B 191 -15.98 -5.99 -13.16
N PRO B 192 -15.55 -5.99 -11.89
CA PRO B 192 -14.80 -7.14 -11.39
C PRO B 192 -15.63 -8.43 -11.48
N SER B 193 -14.96 -9.54 -11.80
CA SER B 193 -15.58 -10.89 -11.76
C SER B 193 -15.71 -11.31 -10.29
N TYR B 194 -14.80 -10.82 -9.45
CA TYR B 194 -14.65 -11.17 -8.00
C TYR B 194 -14.25 -12.65 -7.82
N HIS B 195 -13.72 -13.27 -8.87
CA HIS B 195 -13.18 -14.65 -8.74
C HIS B 195 -11.92 -14.57 -7.88
N THR B 196 -11.63 -15.70 -7.25
CA THR B 196 -10.29 -15.94 -6.70
C THR B 196 -9.46 -16.61 -7.79
N TYR B 197 -8.33 -16.01 -8.19
CA TYR B 197 -7.35 -16.62 -9.10
C TYR B 197 -6.18 -17.04 -8.22
N VAL B 198 -5.30 -17.87 -8.78
CA VAL B 198 -4.04 -18.26 -8.11
C VAL B 198 -2.94 -18.10 -9.13
N VAL B 199 -1.85 -17.48 -8.69
CA VAL B 199 -0.63 -17.23 -9.48
C VAL B 199 0.45 -18.21 -9.00
N ARG B 200 1.04 -18.94 -9.94
CA ARG B 200 2.26 -19.72 -9.71
C ARG B 200 3.46 -18.79 -9.96
N THR B 201 4.40 -18.74 -9.01
CA THR B 201 5.62 -17.89 -9.10
C THR B 201 6.55 -18.39 -10.22
N ALA B 202 7.50 -17.54 -10.57
CA ALA B 202 8.49 -17.73 -11.65
C ALA B 202 9.32 -18.98 -11.40
N ASP B 203 9.59 -19.30 -10.16
CA ASP B 203 10.35 -20.52 -9.80
C ASP B 203 9.45 -21.74 -9.96
N GLY B 204 8.14 -21.55 -10.05
CA GLY B 204 7.19 -22.67 -10.30
C GLY B 204 6.74 -23.42 -9.05
N LYS B 205 7.18 -22.95 -7.86
CA LYS B 205 7.11 -23.70 -6.60
C LYS B 205 6.33 -22.95 -5.51
N HIS B 206 5.90 -21.72 -5.75
CA HIS B 206 5.06 -20.94 -4.79
C HIS B 206 3.74 -20.54 -5.44
N TYR B 207 2.73 -20.27 -4.61
CA TYR B 207 1.33 -20.08 -5.03
C TYR B 207 0.69 -18.95 -4.22
N PHE B 208 0.15 -17.97 -4.96
CA PHE B 208 -0.49 -16.73 -4.40
C PHE B 208 -1.89 -16.58 -4.94
N LYS B 209 -2.89 -16.62 -4.06
CA LYS B 209 -4.30 -16.37 -4.46
C LYS B 209 -4.37 -14.86 -4.71
N ILE B 210 -5.21 -14.42 -5.62
CA ILE B 210 -5.39 -12.98 -5.91
C ILE B 210 -6.85 -12.74 -6.25
N GLN B 211 -7.33 -11.57 -5.86
CA GLN B 211 -8.71 -11.18 -6.11
C GLN B 211 -8.73 -9.68 -6.40
N ILE B 212 -9.22 -9.26 -7.56
CA ILE B 212 -9.31 -7.81 -7.91
C ILE B 212 -10.64 -7.30 -7.33
N ILE B 213 -10.60 -6.29 -6.46
CA ILE B 213 -11.84 -5.78 -5.76
C ILE B 213 -12.44 -4.60 -6.51
N SER B 214 -11.64 -3.72 -7.08
CA SER B 214 -12.19 -2.52 -7.74
C SER B 214 -11.13 -1.83 -8.60
N TRP B 215 -11.59 -1.16 -9.68
CA TRP B 215 -10.77 -0.28 -10.54
C TRP B 215 -11.55 1.02 -10.84
N TYR B 216 -10.87 2.19 -10.97
CA TYR B 216 -11.43 3.56 -11.28
C TYR B 216 -10.83 4.23 -12.54
N ASP B 217 -11.31 5.44 -12.88
CA ASP B 217 -10.74 6.33 -13.94
C ASP B 217 -10.89 7.79 -13.50
N GLY B 227 -6.91 6.21 -12.57
CA GLY B 227 -7.36 4.83 -12.28
C GLY B 227 -6.59 4.22 -11.10
N ARG B 228 -7.31 3.76 -10.07
CA ARG B 228 -6.74 3.16 -8.82
C ARG B 228 -7.28 1.74 -8.56
N LEU B 229 -6.38 0.79 -8.41
CA LEU B 229 -6.70 -0.67 -8.33
C LEU B 229 -6.64 -1.08 -6.86
N SER B 230 -7.64 -1.82 -6.40
CA SER B 230 -7.69 -2.44 -5.06
C SER B 230 -7.78 -3.96 -5.21
N TYR B 231 -7.01 -4.69 -4.41
CA TYR B 231 -6.94 -6.15 -4.58
C TYR B 231 -6.33 -6.80 -3.34
N TYR B 232 -6.55 -8.10 -3.26
CA TYR B 232 -5.97 -8.98 -2.25
C TYR B 232 -5.03 -9.93 -2.96
N CYS B 233 -3.95 -10.22 -2.30
CA CYS B 233 -2.95 -11.15 -2.84
C CYS B 233 -2.16 -11.74 -1.69
N ASP B 234 -2.26 -13.06 -1.52
CA ASP B 234 -1.72 -13.69 -0.27
C ASP B 234 -1.15 -15.06 -0.63
N GLU B 235 -0.06 -15.46 0.03
CA GLU B 235 0.55 -16.80 -0.23
C GLU B 235 -0.35 -17.91 0.31
N LEU B 236 -0.57 -18.97 -0.47
CA LEU B 236 -1.13 -20.25 0.02
C LEU B 236 0.00 -21.02 0.73
N GLN B 237 -0.30 -21.58 1.90
CA GLN B 237 0.60 -22.47 2.69
C GLN B 237 0.77 -23.79 1.93
N PRO B 238 1.98 -24.39 1.91
CA PRO B 238 2.09 -25.82 1.54
C PRO B 238 1.09 -26.75 2.28
#